data_2PH7
#
_entry.id   2PH7
#
_cell.length_a   206.536
_cell.length_b   206.536
_cell.length_c   206.536
_cell.angle_alpha   90.00
_cell.angle_beta   90.00
_cell.angle_gamma   90.00
#
_symmetry.space_group_name_H-M   'F 2 3'
#
loop_
_entity.id
_entity.type
_entity.pdbx_description
1 polymer 'Uncharacterized protein AF_2093'
2 water water
#
_entity_poly.entity_id   1
_entity_poly.type   'polypeptide(L)'
_entity_poly.pdbx_seq_one_letter_code
;G(MSE)DVEIVEELSK(MSE)LAGRKAVTEEEIRRKAIRCALKI(MSE)GARLVGIDAELIEDVTCSLIDCPITLKSLHF
SEKVKIGDVLFYHPHVIKPEKEDFEQAYFEYKQSKKFLDAFDI(MSE)REVTDRFFEGYEAEGRY(MSE)RKYTKDGRNY
YAFFSTIDDTFEDVDIHLR(MSE)VDEVDGDYVVIVPTENELNPFLKFFKQYSEDAKRAGLKIWVVNPDEKTIDPFIGYP
KDFRLLKGFKNPKAAALVSAYWRVTVTDLD
;
_entity_poly.pdbx_strand_id   A,B
#
# COMPACT_ATOMS: atom_id res chain seq x y z
N GLY A 1 4.39 2.30 -12.29
CA GLY A 1 5.61 3.15 -12.56
C GLY A 1 6.25 3.65 -11.27
N ASP A 3 9.75 4.48 -14.15
CA ASP A 3 11.09 4.05 -14.53
C ASP A 3 12.15 4.64 -13.61
N VAL A 4 11.92 5.88 -13.16
CA VAL A 4 12.81 6.60 -12.24
C VAL A 4 12.87 5.93 -10.87
N GLU A 5 11.72 5.49 -10.37
CA GLU A 5 11.61 4.84 -9.06
C GLU A 5 12.27 3.45 -9.02
N ILE A 6 12.24 2.75 -10.15
CA ILE A 6 12.92 1.46 -10.33
C ILE A 6 14.44 1.64 -10.37
N VAL A 7 14.88 2.66 -11.10
CA VAL A 7 16.30 3.07 -11.16
C VAL A 7 16.81 3.52 -9.78
N GLU A 8 15.91 4.00 -8.93
CA GLU A 8 16.28 4.39 -7.57
C GLU A 8 16.40 3.18 -6.64
N GLU A 9 15.54 2.19 -6.86
CA GLU A 9 15.59 0.93 -6.11
C GLU A 9 16.82 0.10 -6.47
N LEU A 10 17.16 0.09 -7.76
CA LEU A 10 18.32 -0.61 -8.30
C LEU A 10 19.62 -0.01 -7.75
N SER A 11 19.64 1.32 -7.63
CA SER A 11 20.80 2.06 -7.12
C SER A 11 21.03 1.87 -5.62
N LYS A 12 20.01 1.39 -4.90
CA LYS A 12 20.13 1.05 -3.49
C LYS A 12 20.82 -0.31 -3.29
N LEU A 14 22.93 -1.70 -5.25
CA LEU A 14 24.27 -1.69 -5.81
C LEU A 14 25.20 -0.67 -5.15
N ALA A 15 24.78 -0.17 -3.99
CA ALA A 15 25.56 0.84 -3.27
C ALA A 15 26.86 0.24 -2.71
N GLY A 16 27.98 0.87 -3.05
CA GLY A 16 29.30 0.45 -2.57
C GLY A 16 30.02 -0.53 -3.47
N ARG A 17 29.33 -0.97 -4.52
CA ARG A 17 29.88 -1.90 -5.51
C ARG A 17 30.86 -1.21 -6.44
N LYS A 18 32.01 -1.85 -6.68
CA LYS A 18 33.04 -1.28 -7.54
C LYS A 18 33.01 -1.87 -8.96
N ALA A 19 32.26 -2.95 -9.15
CA ALA A 19 32.09 -3.56 -10.47
C ALA A 19 30.75 -4.30 -10.60
N VAL A 20 30.16 -4.21 -11.79
CA VAL A 20 28.89 -4.90 -12.10
C VAL A 20 28.93 -5.36 -13.55
N THR A 21 27.96 -6.20 -13.91
CA THR A 21 27.75 -6.58 -15.29
C THR A 21 26.37 -6.11 -15.70
N GLU A 22 26.16 -5.99 -17.01
CA GLU A 22 24.88 -5.66 -17.62
C GLU A 22 23.81 -6.70 -17.31
N GLU A 23 24.20 -7.96 -17.27
CA GLU A 23 23.25 -9.04 -16.98
C GLU A 23 22.78 -9.05 -15.52
N GLU A 24 23.67 -8.68 -14.60
CA GLU A 24 23.28 -8.47 -13.22
C GLU A 24 22.31 -7.28 -13.07
N ILE A 25 22.58 -6.19 -13.77
CA ILE A 25 21.74 -5.00 -13.69
C ILE A 25 20.38 -5.33 -14.24
N ARG A 26 20.36 -5.96 -15.42
CA ARG A 26 19.15 -6.42 -16.09
C ARG A 26 18.26 -7.35 -15.25
N ARG A 27 18.86 -8.28 -14.52
CA ARG A 27 18.12 -9.21 -13.67
C ARG A 27 17.48 -8.53 -12.44
N LYS A 28 18.23 -7.60 -11.83
CA LYS A 28 17.79 -6.90 -10.64
C LYS A 28 16.78 -5.82 -10.98
N ALA A 29 16.84 -5.36 -12.24
CA ALA A 29 15.89 -4.39 -12.80
C ALA A 29 14.48 -4.98 -12.98
N ILE A 30 14.43 -6.28 -13.30
CA ILE A 30 13.17 -7.01 -13.44
C ILE A 30 12.56 -7.23 -12.05
N ARG A 31 13.41 -7.48 -11.06
CA ARG A 31 12.98 -7.68 -9.69
C ARG A 31 12.53 -6.39 -8.98
N CYS A 32 13.13 -5.26 -9.34
CA CYS A 32 12.70 -3.95 -8.83
C CYS A 32 11.42 -3.51 -9.51
N ALA A 33 11.32 -3.77 -10.82
CA ALA A 33 10.10 -3.55 -11.56
C ALA A 33 8.90 -4.29 -10.92
N LEU A 34 9.13 -5.53 -10.49
CA LEU A 34 8.12 -6.29 -9.73
C LEU A 34 7.73 -5.65 -8.40
N LYS A 35 8.74 -5.27 -7.62
CA LYS A 35 8.55 -4.65 -6.31
C LYS A 35 7.67 -3.40 -6.41
N ILE A 36 7.87 -2.63 -7.48
CA ILE A 36 7.19 -1.36 -7.68
C ILE A 36 5.85 -1.46 -8.42
N GLY A 38 4.11 -4.78 -9.10
CA GLY A 38 3.36 -6.01 -8.85
C GLY A 38 2.68 -6.57 -10.09
N ALA A 39 1.38 -6.81 -10.00
CA ALA A 39 0.57 -7.38 -11.08
C ALA A 39 0.64 -6.63 -12.43
N ARG A 40 0.87 -5.32 -12.38
CA ARG A 40 0.99 -4.48 -13.60
C ARG A 40 2.21 -4.83 -14.46
N LEU A 41 3.08 -5.69 -13.92
CA LEU A 41 4.25 -6.18 -14.64
C LEU A 41 3.86 -7.01 -15.88
N VAL A 42 2.63 -7.55 -15.91
CA VAL A 42 2.12 -8.28 -17.09
C VAL A 42 2.05 -7.39 -18.34
N GLY A 43 1.87 -6.08 -18.13
CA GLY A 43 1.78 -5.11 -19.22
C GLY A 43 3.10 -4.49 -19.66
N ILE A 44 4.16 -4.73 -18.89
CA ILE A 44 5.50 -4.20 -19.17
C ILE A 44 6.18 -4.89 -20.37
N ASP A 45 6.75 -4.08 -21.26
CA ASP A 45 7.57 -4.61 -22.36
C ASP A 45 9.05 -4.60 -22.03
N ALA A 46 9.84 -5.29 -22.85
CA ALA A 46 11.28 -5.36 -22.65
C ALA A 46 11.98 -4.00 -22.72
N GLU A 47 11.29 -3.00 -23.28
CA GLU A 47 11.86 -1.67 -23.47
C GLU A 47 11.98 -0.86 -22.18
N LEU A 48 11.13 -1.17 -21.20
CA LEU A 48 11.27 -0.56 -19.88
C LEU A 48 12.57 -1.03 -19.25
N ILE A 49 12.82 -2.33 -19.31
CA ILE A 49 14.02 -2.94 -18.75
C ILE A 49 15.29 -2.48 -19.47
N GLU A 50 15.19 -2.29 -20.79
CA GLU A 50 16.31 -1.73 -21.57
C GLU A 50 16.67 -0.33 -21.07
N ASP A 51 15.65 0.49 -20.85
CA ASP A 51 15.85 1.87 -20.42
C ASP A 51 16.37 1.98 -18.99
N VAL A 52 15.91 1.10 -18.12
CA VAL A 52 16.38 1.03 -16.73
C VAL A 52 17.85 0.60 -16.69
N THR A 53 18.20 -0.46 -17.41
CA THR A 53 19.58 -0.96 -17.40
C THR A 53 20.54 0.08 -17.95
N CYS A 54 20.16 0.75 -19.03
CA CYS A 54 20.95 1.85 -19.61
C CYS A 54 20.99 3.09 -18.72
N SER A 55 20.34 3.01 -17.54
CA SER A 55 20.48 4.01 -16.50
C SER A 55 21.97 3.96 -15.88
N LEU A 56 22.58 2.81 -16.00
CA LEU A 56 23.45 2.42 -14.96
C LEU A 56 24.67 2.09 -15.67
N ILE A 57 24.66 2.18 -16.98
CA ILE A 57 25.82 1.54 -17.73
C ILE A 57 25.38 2.18 -19.05
N ASP A 58 25.83 3.41 -19.49
CA ASP A 58 25.57 4.02 -20.83
C ASP A 58 24.51 5.11 -20.66
N LEU A 66 24.39 7.00 -8.63
CA LEU A 66 25.31 5.90 -8.93
C LEU A 66 25.32 5.60 -10.42
N HIS A 67 26.52 5.39 -10.97
CA HIS A 67 26.73 5.33 -12.42
C HIS A 67 28.01 4.56 -12.79
N PHE A 68 27.82 3.36 -13.36
CA PHE A 68 28.93 2.52 -13.78
C PHE A 68 29.23 2.77 -15.24
N SER A 69 29.97 3.83 -15.52
CA SER A 69 30.22 4.29 -16.88
C SER A 69 31.38 3.59 -17.60
N GLU A 70 32.39 3.19 -16.84
CA GLU A 70 33.65 2.74 -17.43
C GLU A 70 33.85 1.23 -17.53
N LYS A 71 34.17 0.78 -18.74
CA LYS A 71 34.27 -0.65 -19.10
C LYS A 71 35.65 -1.29 -18.86
N VAL A 72 35.64 -2.50 -18.29
CA VAL A 72 36.83 -3.36 -18.22
C VAL A 72 36.47 -4.78 -18.64
N LYS A 73 37.12 -5.28 -19.69
CA LYS A 73 36.84 -6.60 -20.23
C LYS A 73 37.77 -7.65 -19.59
N ILE A 74 37.17 -8.66 -18.97
CA ILE A 74 37.89 -9.78 -18.36
C ILE A 74 37.41 -11.06 -19.00
N GLY A 75 38.26 -11.69 -19.79
CA GLY A 75 37.85 -12.74 -20.71
C GLY A 75 36.73 -12.29 -21.62
N ASP A 76 35.65 -13.06 -21.63
CA ASP A 76 34.46 -12.78 -22.43
C ASP A 76 33.38 -11.99 -21.66
N VAL A 77 33.72 -11.49 -20.48
CA VAL A 77 32.78 -10.80 -19.61
C VAL A 77 33.11 -9.30 -19.52
N LEU A 78 32.12 -8.47 -19.83
CA LEU A 78 32.26 -7.03 -19.69
C LEU A 78 31.78 -6.55 -18.33
N PHE A 79 32.73 -6.04 -17.55
CA PHE A 79 32.43 -5.41 -16.26
C PHE A 79 32.34 -3.88 -16.42
N TYR A 80 31.65 -3.25 -15.48
CA TYR A 80 31.50 -1.79 -15.45
C TYR A 80 31.84 -1.26 -14.07
N HIS A 81 32.58 -0.15 -14.03
CA HIS A 81 32.92 0.48 -12.75
C HIS A 81 32.71 2.00 -12.78
N PRO A 82 32.55 2.63 -11.60
CA PRO A 82 32.46 4.09 -11.48
C PRO A 82 33.71 4.83 -12.00
N HIS A 83 33.72 6.17 -11.89
CA HIS A 83 34.64 7.01 -12.67
C HIS A 83 36.13 6.90 -12.35
N VAL A 84 36.50 7.17 -11.11
CA VAL A 84 37.88 6.91 -10.67
C VAL A 84 37.83 6.02 -9.43
N ILE A 85 36.86 5.11 -9.44
CA ILE A 85 36.81 4.04 -8.46
C ILE A 85 37.37 2.80 -9.15
N LYS A 86 38.36 2.19 -8.52
CA LYS A 86 39.10 1.10 -9.14
C LYS A 86 38.71 -0.24 -8.51
N PRO A 87 38.14 -1.15 -9.33
CA PRO A 87 37.79 -2.48 -8.82
C PRO A 87 39.03 -3.35 -8.53
N GLU A 88 39.10 -3.86 -7.31
CA GLU A 88 40.12 -4.83 -6.92
C GLU A 88 39.60 -6.25 -7.15
N LYS A 89 40.45 -7.24 -6.87
CA LYS A 89 40.11 -8.66 -7.06
C LYS A 89 38.77 -9.02 -6.40
N GLU A 90 38.58 -8.61 -5.15
CA GLU A 90 37.38 -8.93 -4.36
C GLU A 90 36.06 -8.43 -4.95
N ASP A 91 36.12 -7.28 -5.63
CA ASP A 91 34.97 -6.66 -6.29
C ASP A 91 34.62 -7.37 -7.58
N PHE A 92 35.65 -7.79 -8.32
CA PHE A 92 35.48 -8.60 -9.52
C PHE A 92 34.89 -9.97 -9.17
N GLU A 93 35.36 -10.55 -8.06
CA GLU A 93 34.89 -11.85 -7.58
C GLU A 93 33.40 -11.84 -7.21
N GLN A 94 32.94 -10.75 -6.61
CA GLN A 94 31.52 -10.58 -6.29
C GLN A 94 30.70 -10.28 -7.53
N ALA A 95 31.21 -9.38 -8.37
CA ALA A 95 30.60 -9.07 -9.66
C ALA A 95 30.46 -10.33 -10.53
N TYR A 96 31.43 -11.23 -10.42
CA TYR A 96 31.47 -12.47 -11.18
C TYR A 96 30.48 -13.52 -10.67
N PHE A 97 30.40 -13.64 -9.34
CA PHE A 97 29.41 -14.48 -8.70
C PHE A 97 27.98 -14.05 -9.08
N GLU A 98 27.76 -12.75 -9.18
CA GLU A 98 26.48 -12.20 -9.55
C GLU A 98 26.19 -12.36 -11.04
N TYR A 99 27.24 -12.33 -11.85
CA TYR A 99 27.11 -12.53 -13.30
C TYR A 99 26.68 -13.97 -13.63
N LYS A 100 27.25 -14.94 -12.92
CA LYS A 100 26.93 -16.35 -13.11
C LYS A 100 25.46 -16.60 -12.79
N GLN A 101 25.05 -16.19 -11.59
CA GLN A 101 23.66 -16.21 -11.13
C GLN A 101 22.69 -15.61 -12.14
N SER A 102 23.06 -14.45 -12.70
CA SER A 102 22.19 -13.68 -13.58
C SER A 102 22.09 -14.30 -14.96
N LYS A 103 23.21 -14.83 -15.43
CA LYS A 103 23.29 -15.42 -16.75
C LYS A 103 22.53 -16.73 -16.78
N LYS A 104 22.60 -17.48 -15.68
CA LYS A 104 21.86 -18.72 -15.53
C LYS A 104 20.35 -18.49 -15.66
N PHE A 105 19.81 -17.52 -14.93
CA PHE A 105 18.41 -17.09 -15.08
C PHE A 105 18.09 -16.65 -16.51
N LEU A 106 18.90 -15.75 -17.05
CA LEU A 106 18.73 -15.19 -18.40
C LEU A 106 18.84 -16.19 -19.54
N ASP A 107 19.70 -17.19 -19.37
CA ASP A 107 19.80 -18.30 -20.34
C ASP A 107 18.59 -19.21 -20.28
N ALA A 108 18.08 -19.45 -19.07
CA ALA A 108 16.90 -20.29 -18.85
C ALA A 108 15.60 -19.58 -19.19
N PHE A 109 15.59 -18.25 -19.16
CA PHE A 109 14.36 -17.45 -19.22
C PHE A 109 13.35 -17.87 -20.29
N ASP A 110 13.77 -17.98 -21.54
CA ASP A 110 12.84 -18.25 -22.65
C ASP A 110 12.35 -19.70 -22.70
N ILE A 111 13.17 -20.62 -22.21
CA ILE A 111 12.77 -22.02 -22.09
C ILE A 111 11.71 -22.18 -21.00
N ARG A 113 9.46 -19.93 -20.14
CA ARG A 113 8.21 -19.44 -20.69
C ARG A 113 7.62 -20.39 -21.74
N GLU A 114 8.47 -21.19 -22.37
CA GLU A 114 8.03 -22.22 -23.31
C GLU A 114 7.38 -23.39 -22.57
N VAL A 115 8.08 -23.89 -21.55
CA VAL A 115 7.63 -24.99 -20.71
C VAL A 115 6.34 -24.64 -19.95
N THR A 116 6.24 -23.39 -19.49
CA THR A 116 5.08 -22.92 -18.74
C THR A 116 3.87 -22.71 -19.64
N ASP A 117 4.08 -22.23 -20.86
CA ASP A 117 3.03 -22.16 -21.87
C ASP A 117 2.46 -23.54 -22.21
N ARG A 118 3.35 -24.52 -22.39
CA ARG A 118 3.00 -25.90 -22.68
C ARG A 118 2.20 -26.54 -21.53
N PHE A 119 2.57 -26.20 -20.30
CA PHE A 119 1.84 -26.65 -19.11
C PHE A 119 0.41 -26.07 -19.13
N PHE A 120 0.31 -24.83 -19.58
CA PHE A 120 -0.94 -24.07 -19.59
C PHE A 120 -1.51 -23.98 -21.00
N GLU A 121 -1.64 -25.10 -21.68
CA GLU A 121 -2.41 -25.06 -22.92
C GLU A 121 -3.84 -25.56 -22.66
N GLY A 122 -4.81 -25.07 -23.42
CA GLY A 122 -4.67 -23.83 -24.15
C GLY A 122 -5.36 -22.77 -23.30
N TYR A 123 -4.66 -22.31 -22.27
CA TYR A 123 -5.00 -21.03 -21.66
C TYR A 123 -4.45 -20.00 -22.61
N GLU A 124 -5.16 -18.88 -22.75
CA GLU A 124 -4.61 -17.71 -23.45
C GLU A 124 -3.52 -17.08 -22.58
N ALA A 125 -2.50 -16.51 -23.23
CA ALA A 125 -1.32 -16.01 -22.54
C ALA A 125 -0.93 -14.59 -22.95
N GLU A 126 -0.58 -13.78 -21.95
CA GLU A 126 -0.08 -12.42 -22.16
C GLU A 126 1.00 -12.08 -21.12
N GLY A 127 2.01 -11.33 -21.55
CA GLY A 127 3.07 -10.88 -20.67
C GLY A 127 4.39 -11.60 -20.89
N ARG A 128 5.47 -10.93 -20.49
CA ARG A 128 6.81 -11.47 -20.58
C ARG A 128 7.41 -11.78 -19.20
N TYR A 129 7.49 -10.77 -18.33
CA TYR A 129 8.21 -10.89 -17.06
C TYR A 129 7.31 -11.45 -15.98
N ARG A 131 3.67 -13.46 -16.54
CA ARG A 131 2.83 -14.01 -17.58
C ARG A 131 1.51 -14.48 -16.97
N LYS A 132 0.41 -14.00 -17.57
CA LYS A 132 -0.94 -14.30 -17.12
C LYS A 132 -1.59 -15.31 -18.05
N TYR A 133 -2.03 -16.44 -17.48
CA TYR A 133 -2.73 -17.48 -18.21
C TYR A 133 -4.20 -17.56 -17.82
N THR A 134 -5.07 -17.50 -18.83
CA THR A 134 -6.53 -17.50 -18.62
C THR A 134 -7.26 -18.45 -19.58
N LYS A 135 -8.13 -19.32 -19.04
CA LYS A 135 -8.88 -20.27 -19.88
C LYS A 135 -10.41 -20.09 -19.87
N ASP A 136 -11.07 -20.35 -18.75
CA ASP A 136 -12.53 -20.14 -18.67
C ASP A 136 -12.82 -19.19 -17.51
N GLY A 137 -12.30 -17.96 -17.63
CA GLY A 137 -12.35 -16.97 -16.55
C GLY A 137 -11.48 -17.32 -15.36
N ARG A 138 -10.63 -18.34 -15.53
CA ARG A 138 -9.69 -18.79 -14.49
C ARG A 138 -8.28 -18.33 -14.83
N ASN A 139 -7.61 -17.72 -13.85
CA ASN A 139 -6.31 -17.09 -14.07
C ASN A 139 -5.15 -17.67 -13.25
N TYR A 140 -4.00 -17.81 -13.90
CA TYR A 140 -2.74 -18.08 -13.24
C TYR A 140 -1.78 -16.95 -13.56
N TYR A 141 -0.94 -16.59 -12.60
CA TYR A 141 0.05 -15.55 -12.80
C TYR A 141 1.42 -16.11 -12.51
N ALA A 142 2.26 -16.16 -13.54
CA ALA A 142 3.60 -16.74 -13.42
C ALA A 142 4.70 -15.66 -13.45
N PHE A 143 5.47 -15.59 -12.36
CA PHE A 143 6.64 -14.74 -12.33
C PHE A 143 7.88 -15.59 -12.50
N PHE A 144 8.76 -15.19 -13.42
CA PHE A 144 9.99 -15.95 -13.67
C PHE A 144 11.17 -15.41 -12.87
N SER A 145 11.76 -16.27 -12.06
CA SER A 145 12.87 -15.87 -11.19
C SER A 145 13.90 -17.01 -10.99
N THR A 146 14.64 -16.97 -9.88
CA THR A 146 15.47 -18.08 -9.43
C THR A 146 15.15 -18.23 -7.96
N ILE A 147 15.52 -19.37 -7.37
CA ILE A 147 15.18 -19.61 -5.96
C ILE A 147 15.96 -18.72 -4.98
N ASP A 148 17.19 -18.34 -5.34
CA ASP A 148 17.97 -17.43 -4.50
C ASP A 148 17.34 -16.05 -4.50
N ASP A 149 16.97 -15.55 -5.68
CA ASP A 149 16.19 -14.30 -5.79
C ASP A 149 14.87 -14.39 -5.01
N THR A 150 14.09 -15.46 -5.24
CA THR A 150 12.81 -15.69 -4.56
C THR A 150 12.98 -15.69 -3.07
N PHE A 151 14.10 -16.26 -2.60
CA PHE A 151 14.47 -16.22 -1.19
C PHE A 151 14.57 -14.77 -0.68
N GLU A 152 15.23 -13.92 -1.46
CA GLU A 152 15.48 -12.53 -1.04
C GLU A 152 14.24 -11.67 -1.19
N ASP A 153 13.49 -11.94 -2.26
CA ASP A 153 12.29 -11.21 -2.61
C ASP A 153 11.02 -11.83 -2.02
N VAL A 154 11.17 -12.65 -0.99
CA VAL A 154 10.06 -13.47 -0.48
C VAL A 154 8.85 -12.66 0.02
N ASP A 155 9.12 -11.52 0.66
CA ASP A 155 8.06 -10.61 1.10
C ASP A 155 7.22 -10.06 -0.05
N ILE A 156 7.85 -9.78 -1.19
CA ILE A 156 7.13 -9.38 -2.39
C ILE A 156 6.16 -10.48 -2.86
N HIS A 157 6.67 -11.71 -2.93
CA HIS A 157 5.92 -12.86 -3.44
C HIS A 157 4.78 -13.29 -2.55
N LEU A 158 4.97 -13.16 -1.24
CA LEU A 158 3.94 -13.49 -0.27
C LEU A 158 2.75 -12.54 -0.36
N ARG A 159 3.03 -11.27 -0.64
CA ARG A 159 2.01 -10.24 -0.84
C ARG A 159 1.34 -10.35 -2.20
N VAL A 161 0.33 -12.96 -3.84
CA VAL A 161 -0.71 -13.97 -3.94
C VAL A 161 -2.13 -13.42 -3.70
N ASP A 162 -2.24 -12.37 -2.88
CA ASP A 162 -3.52 -11.76 -2.57
C ASP A 162 -3.90 -10.64 -3.51
N GLU A 163 -2.95 -10.23 -4.37
CA GLU A 163 -3.12 -9.07 -5.24
C GLU A 163 -3.57 -9.38 -6.68
N VAL A 164 -3.79 -10.66 -6.97
CA VAL A 164 -4.20 -11.09 -8.32
C VAL A 164 -5.50 -11.89 -8.26
N ASP A 165 -6.35 -11.73 -9.27
CA ASP A 165 -7.56 -12.55 -9.35
C ASP A 165 -7.22 -13.87 -10.04
N GLY A 166 -6.57 -14.74 -9.28
CA GLY A 166 -6.12 -16.02 -9.79
C GLY A 166 -4.99 -16.52 -8.92
N ASP A 167 -4.34 -17.59 -9.37
CA ASP A 167 -3.24 -18.18 -8.62
C ASP A 167 -1.91 -17.62 -9.07
N TYR A 168 -1.10 -17.24 -8.10
CA TYR A 168 0.22 -16.70 -8.34
C TYR A 168 1.29 -17.80 -8.20
N VAL A 169 2.14 -17.91 -9.20
CA VAL A 169 3.21 -18.92 -9.19
C VAL A 169 4.56 -18.32 -9.57
N VAL A 170 5.57 -18.63 -8.77
CA VAL A 170 6.94 -18.28 -9.12
C VAL A 170 7.60 -19.46 -9.82
N ILE A 171 8.02 -19.23 -11.06
CA ILE A 171 8.70 -20.25 -11.85
C ILE A 171 10.22 -20.03 -11.78
N VAL A 172 10.95 -21.05 -11.31
CA VAL A 172 12.41 -20.99 -11.15
C VAL A 172 13.08 -22.20 -11.82
N PRO A 173 14.36 -22.05 -12.24
CA PRO A 173 15.06 -23.21 -12.80
C PRO A 173 15.54 -24.19 -11.74
N THR A 174 15.88 -25.39 -12.18
CA THR A 174 16.64 -26.34 -11.37
C THR A 174 18.02 -25.79 -11.04
N GLU A 175 18.53 -26.20 -9.89
CA GLU A 175 19.86 -25.82 -9.45
C GLU A 175 20.79 -27.05 -9.44
N ASN A 176 22.10 -26.82 -9.35
CA ASN A 176 23.06 -27.91 -9.27
C ASN A 176 23.32 -28.40 -7.84
N GLU A 177 23.26 -27.50 -6.86
CA GLU A 177 23.44 -27.87 -5.46
C GLU A 177 22.07 -28.03 -4.78
N LEU A 178 22.08 -28.40 -3.50
CA LEU A 178 20.84 -28.59 -2.76
C LEU A 178 20.47 -27.34 -1.97
N ASN A 179 21.49 -26.64 -1.48
CA ASN A 179 21.35 -25.53 -0.55
C ASN A 179 20.33 -24.45 -0.97
N PRO A 180 20.37 -23.98 -2.25
CA PRO A 180 19.41 -22.95 -2.65
C PRO A 180 17.95 -23.32 -2.33
N PHE A 181 17.48 -24.49 -2.76
CA PHE A 181 16.12 -24.93 -2.44
C PHE A 181 15.96 -25.36 -1.00
N LEU A 182 17.01 -25.93 -0.42
CA LEU A 182 16.95 -26.40 0.98
C LEU A 182 16.84 -25.26 1.99
N LYS A 183 17.56 -24.16 1.76
CA LYS A 183 17.49 -23.05 2.71
C LYS A 183 16.15 -22.33 2.63
N PHE A 184 15.58 -22.23 1.43
CA PHE A 184 14.21 -21.73 1.26
C PHE A 184 13.18 -22.57 2.02
N PHE A 185 13.27 -23.89 1.88
CA PHE A 185 12.37 -24.81 2.56
C PHE A 185 12.40 -24.60 4.06
N LYS A 186 13.60 -24.57 4.63
CA LYS A 186 13.80 -24.43 6.07
C LYS A 186 13.26 -23.09 6.58
N GLN A 187 13.56 -22.02 5.85
CA GLN A 187 13.21 -20.67 6.26
C GLN A 187 11.77 -20.26 5.93
N TYR A 188 11.27 -20.66 4.76
CA TYR A 188 10.05 -20.06 4.22
C TYR A 188 8.95 -20.99 3.71
N SER A 189 9.12 -22.30 3.81
CA SER A 189 8.12 -23.20 3.23
C SER A 189 6.77 -23.07 3.94
N GLU A 190 6.80 -22.97 5.27
CA GLU A 190 5.60 -22.80 6.08
C GLU A 190 4.89 -21.45 5.85
N ASP A 191 5.67 -20.37 5.67
CA ASP A 191 5.14 -19.06 5.33
C ASP A 191 4.54 -19.06 3.93
N ALA A 192 5.19 -19.77 3.01
CA ALA A 192 4.68 -19.95 1.65
C ALA A 192 3.33 -20.72 1.65
N LYS A 193 3.28 -21.84 2.36
CA LYS A 193 2.06 -22.65 2.49
C LYS A 193 0.90 -21.84 3.07
N ARG A 194 1.16 -21.17 4.19
CA ARG A 194 0.19 -20.33 4.86
C ARG A 194 -0.33 -19.17 3.98
N ALA A 195 0.52 -18.66 3.10
CA ALA A 195 0.12 -17.60 2.17
C ALA A 195 -0.47 -18.14 0.86
N GLY A 196 -0.27 -19.41 0.59
CA GLY A 196 -0.66 -20.02 -0.68
C GLY A 196 0.22 -19.66 -1.85
N LEU A 197 1.49 -19.37 -1.58
CA LEU A 197 2.46 -19.16 -2.65
C LEU A 197 2.87 -20.49 -3.29
N LYS A 198 2.79 -20.55 -4.61
CA LYS A 198 3.25 -21.69 -5.38
C LYS A 198 4.61 -21.37 -6.04
N ILE A 199 5.51 -22.34 -6.00
CA ILE A 199 6.80 -22.26 -6.67
C ILE A 199 7.01 -23.57 -7.43
N TRP A 200 7.13 -23.45 -8.75
CA TRP A 200 7.36 -24.61 -9.62
C TRP A 200 8.74 -24.55 -10.31
N VAL A 201 9.32 -25.72 -10.51
CA VAL A 201 10.71 -25.83 -10.95
C VAL A 201 10.80 -26.36 -12.38
N VAL A 202 11.40 -25.58 -13.28
CA VAL A 202 11.64 -25.96 -14.67
C VAL A 202 13.08 -26.51 -14.87
N ASN A 203 13.18 -27.72 -15.43
CA ASN A 203 14.45 -28.22 -15.97
C ASN A 203 14.61 -27.71 -17.41
N PRO A 204 15.52 -26.73 -17.61
CA PRO A 204 15.66 -26.16 -18.96
C PRO A 204 16.30 -27.15 -19.95
N ASP A 205 17.01 -28.15 -19.44
CA ASP A 205 17.65 -29.18 -20.25
C ASP A 205 16.61 -30.17 -20.75
N GLU A 206 15.86 -30.76 -19.81
CA GLU A 206 14.85 -31.77 -20.10
C GLU A 206 13.50 -31.19 -20.53
N LYS A 207 13.38 -29.87 -20.47
CA LYS A 207 12.13 -29.13 -20.77
C LYS A 207 10.91 -29.61 -19.98
N THR A 208 11.13 -29.84 -18.69
CA THR A 208 10.08 -30.33 -17.81
C THR A 208 9.77 -29.30 -16.71
N ILE A 209 8.61 -29.47 -16.06
CA ILE A 209 8.19 -28.62 -14.94
C ILE A 209 7.67 -29.49 -13.79
N ASP A 210 7.98 -29.10 -12.56
CA ASP A 210 7.63 -29.87 -11.39
C ASP A 210 7.33 -28.93 -10.19
N PRO A 211 6.35 -29.30 -9.34
CA PRO A 211 6.10 -28.42 -8.18
C PRO A 211 7.12 -28.56 -7.07
N PHE A 212 7.60 -27.44 -6.56
CA PHE A 212 8.40 -27.44 -5.35
C PHE A 212 7.46 -27.18 -4.17
N ILE A 213 6.68 -26.10 -4.29
CA ILE A 213 5.67 -25.75 -3.31
C ILE A 213 4.36 -25.37 -3.99
N GLY A 214 3.28 -26.07 -3.64
CA GLY A 214 1.94 -25.65 -4.07
C GLY A 214 1.52 -26.31 -5.37
N TYR A 215 0.22 -26.44 -5.55
CA TYR A 215 -0.35 -27.14 -6.71
C TYR A 215 -1.44 -26.30 -7.33
N PRO A 216 -1.75 -26.54 -8.62
CA PRO A 216 -2.92 -25.90 -9.20
C PRO A 216 -4.20 -26.46 -8.57
N LYS A 217 -5.34 -25.83 -8.82
CA LYS A 217 -6.58 -26.36 -8.22
C LYS A 217 -7.54 -26.91 -9.28
N ASP A 218 -6.96 -27.71 -10.16
CA ASP A 218 -7.63 -28.33 -11.29
C ASP A 218 -6.83 -29.56 -11.66
N PHE A 219 -7.43 -30.74 -11.50
CA PHE A 219 -6.73 -32.00 -11.80
C PHE A 219 -6.27 -32.14 -13.25
N ARG A 220 -6.90 -31.39 -14.15
CA ARG A 220 -6.60 -31.39 -15.56
C ARG A 220 -5.26 -30.76 -15.91
N LEU A 221 -4.64 -30.08 -14.95
CA LEU A 221 -3.34 -29.45 -15.13
C LEU A 221 -2.22 -30.31 -14.60
N LEU A 222 -2.57 -31.24 -13.71
CA LEU A 222 -1.60 -32.11 -13.04
C LEU A 222 -0.85 -33.02 -14.01
N LYS A 223 -1.46 -33.26 -15.17
CA LYS A 223 -0.86 -34.00 -16.29
C LYS A 223 0.47 -33.41 -16.73
N GLY A 224 0.58 -32.08 -16.63
CA GLY A 224 1.71 -31.34 -17.16
C GLY A 224 2.99 -31.38 -16.37
N PHE A 225 2.95 -31.92 -15.15
CA PHE A 225 4.17 -32.08 -14.34
C PHE A 225 4.92 -33.36 -14.72
N LYS A 226 6.25 -33.30 -14.55
CA LYS A 226 7.19 -34.39 -14.80
C LYS A 226 6.95 -35.58 -13.86
N ASN A 227 7.12 -35.36 -12.55
CA ASN A 227 6.95 -36.41 -11.54
C ASN A 227 5.77 -36.11 -10.60
N GLY B 1 -1.81 4.82 21.71
CA GLY B 1 -1.78 3.60 20.84
C GLY B 1 -0.78 3.78 19.72
N ASP B 3 -0.23 2.72 14.97
CA ASP B 3 -0.80 2.29 13.68
C ASP B 3 -1.33 0.84 13.63
N VAL B 4 -0.71 -0.09 14.36
CA VAL B 4 -1.20 -1.48 14.40
C VAL B 4 -2.59 -1.59 15.03
N GLU B 5 -2.80 -0.92 16.15
CA GLU B 5 -4.10 -0.90 16.85
C GLU B 5 -5.20 -0.20 16.03
N ILE B 6 -4.83 0.86 15.32
CA ILE B 6 -5.75 1.55 14.42
C ILE B 6 -6.19 0.62 13.27
N VAL B 7 -5.25 -0.12 12.71
CA VAL B 7 -5.57 -1.11 11.67
C VAL B 7 -6.56 -2.17 12.18
N GLU B 8 -6.34 -2.68 13.39
CA GLU B 8 -7.26 -3.66 13.99
C GLU B 8 -8.67 -3.08 14.25
N GLU B 9 -8.71 -1.81 14.58
CA GLU B 9 -9.96 -1.13 14.89
C GLU B 9 -10.72 -0.88 13.58
N LEU B 10 -9.99 -0.43 12.55
CA LEU B 10 -10.50 -0.30 11.19
C LEU B 10 -11.08 -1.59 10.60
N SER B 11 -10.36 -2.71 10.75
CA SER B 11 -10.84 -4.04 10.32
C SER B 11 -12.14 -4.42 10.98
N LYS B 12 -12.29 -4.00 12.22
CA LYS B 12 -13.52 -4.25 12.96
C LYS B 12 -14.65 -3.42 12.36
N LEU B 14 -14.85 -2.38 9.29
CA LEU B 14 -15.07 -2.77 7.91
C LEU B 14 -15.48 -4.23 7.74
N ALA B 15 -15.82 -4.88 8.85
CA ALA B 15 -16.21 -6.29 8.87
C ALA B 15 -17.31 -6.58 7.88
N GLY B 16 -17.07 -7.53 6.97
CA GLY B 16 -18.11 -7.99 6.03
C GLY B 16 -18.27 -7.20 4.74
N ARG B 17 -17.41 -6.19 4.53
CA ARG B 17 -17.48 -5.29 3.38
C ARG B 17 -16.75 -5.85 2.17
N LYS B 18 -17.35 -5.72 0.99
CA LYS B 18 -16.75 -6.32 -0.19
C LYS B 18 -15.98 -5.33 -1.04
N ALA B 19 -16.09 -4.04 -0.69
CA ALA B 19 -15.52 -2.94 -1.46
C ALA B 19 -15.32 -1.73 -0.57
N VAL B 20 -14.13 -1.12 -0.65
CA VAL B 20 -13.79 0.09 0.08
C VAL B 20 -12.94 0.97 -0.82
N THR B 21 -12.74 2.21 -0.39
CA THR B 21 -11.89 3.17 -1.08
C THR B 21 -10.85 3.67 -0.09
N GLU B 22 -9.75 4.17 -0.61
CA GLU B 22 -8.74 4.79 0.21
C GLU B 22 -9.29 5.98 1.03
N GLU B 23 -10.15 6.79 0.41
CA GLU B 23 -10.74 7.95 1.08
C GLU B 23 -11.49 7.54 2.35
N GLU B 24 -12.26 6.46 2.27
CA GLU B 24 -12.99 5.94 3.43
C GLU B 24 -12.08 5.43 4.56
N ILE B 25 -11.00 4.72 4.20
CA ILE B 25 -9.94 4.34 5.13
C ILE B 25 -9.30 5.55 5.81
N ARG B 26 -8.92 6.56 5.04
CA ARG B 26 -8.36 7.78 5.63
C ARG B 26 -9.28 8.44 6.65
N ARG B 27 -10.54 8.65 6.28
CA ARG B 27 -11.52 9.24 7.19
C ARG B 27 -11.72 8.41 8.47
N LYS B 28 -11.82 7.09 8.32
CA LYS B 28 -12.08 6.21 9.45
C LYS B 28 -10.83 5.94 10.30
N ALA B 29 -9.65 5.96 9.69
CA ALA B 29 -8.39 5.89 10.44
C ALA B 29 -8.34 6.96 11.52
N ILE B 30 -8.74 8.18 11.16
CA ILE B 30 -8.74 9.31 12.08
C ILE B 30 -9.69 9.07 13.25
N ARG B 31 -10.88 8.54 12.96
CA ARG B 31 -11.86 8.26 14.01
C ARG B 31 -11.40 7.13 14.95
N CYS B 32 -10.74 6.12 14.38
CA CYS B 32 -10.18 5.00 15.13
C CYS B 32 -9.00 5.46 15.97
N ALA B 33 -8.17 6.33 15.41
CA ALA B 33 -7.05 6.93 16.14
C ALA B 33 -7.47 7.68 17.40
N LEU B 34 -8.62 8.37 17.33
CA LEU B 34 -9.18 9.07 18.49
C LEU B 34 -9.61 8.13 19.63
N LYS B 35 -10.36 7.08 19.29
CA LYS B 35 -10.87 6.10 20.26
C LYS B 35 -9.74 5.43 21.07
N ILE B 36 -8.61 5.22 20.41
CA ILE B 36 -7.45 4.54 20.96
C ILE B 36 -6.50 5.51 21.71
N GLY B 38 -7.14 9.16 22.35
CA GLY B 38 -7.70 10.34 23.03
C GLY B 38 -6.90 11.59 22.72
N ALA B 39 -6.49 12.32 23.77
CA ALA B 39 -5.80 13.60 23.58
C ALA B 39 -4.36 13.45 23.10
N ARG B 40 -3.83 12.23 23.14
CA ARG B 40 -2.51 11.95 22.58
C ARG B 40 -2.48 12.17 21.08
N LEU B 41 -3.67 12.24 20.47
CA LEU B 41 -3.82 12.55 19.05
C LEU B 41 -3.26 13.91 18.63
N VAL B 42 -3.18 14.86 19.56
CA VAL B 42 -2.56 16.17 19.30
C VAL B 42 -1.11 16.07 18.79
N GLY B 43 -0.38 15.05 19.26
CA GLY B 43 1.02 14.85 18.88
C GLY B 43 1.26 13.95 17.68
N ILE B 44 0.21 13.70 16.89
CA ILE B 44 0.30 12.85 15.69
C ILE B 44 0.38 13.70 14.40
N ASP B 45 1.14 13.20 13.41
CA ASP B 45 1.21 13.83 12.08
C ASP B 45 0.50 13.03 10.97
N ALA B 46 0.62 13.51 9.73
CA ALA B 46 0.08 12.85 8.54
C ALA B 46 0.63 11.43 8.31
N GLU B 47 1.88 11.22 8.73
CA GLU B 47 2.62 9.98 8.50
C GLU B 47 1.99 8.74 9.16
N LEU B 48 1.38 8.93 10.34
CA LEU B 48 0.68 7.84 11.02
C LEU B 48 -0.54 7.36 10.23
N ILE B 49 -1.30 8.30 9.68
CA ILE B 49 -2.48 7.99 8.88
C ILE B 49 -2.08 7.33 7.55
N GLU B 50 -0.96 7.74 6.97
CA GLU B 50 -0.42 7.11 5.76
C GLU B 50 0.17 5.72 5.98
N ASP B 51 0.85 5.53 7.11
CA ASP B 51 1.28 4.19 7.51
C ASP B 51 0.08 3.26 7.67
N VAL B 52 -1.02 3.80 8.21
CA VAL B 52 -2.27 3.09 8.35
C VAL B 52 -2.91 2.74 6.99
N THR B 53 -2.77 3.63 6.00
CA THR B 53 -3.35 3.39 4.67
C THR B 53 -2.58 2.31 3.89
N CYS B 54 -1.31 2.10 4.24
CA CYS B 54 -0.51 1.01 3.67
C CYS B 54 -1.07 -0.37 3.97
N SER B 55 -1.79 -0.52 5.07
CA SER B 55 -2.53 -1.75 5.35
C SER B 55 -3.51 -2.07 4.23
N LEU B 56 -3.79 -1.07 3.40
CA LEU B 56 -4.71 -1.19 2.28
C LEU B 56 -3.97 -1.06 0.93
N ILE B 57 -2.99 -0.14 0.89
CA ILE B 57 -2.15 0.13 -0.29
C ILE B 57 -0.68 0.35 0.09
N LEU B 66 -5.08 -4.94 5.96
CA LEU B 66 -6.55 -4.93 5.98
C LEU B 66 -7.17 -6.05 5.16
N HIS B 67 -6.41 -6.62 4.23
CA HIS B 67 -6.92 -7.65 3.32
C HIS B 67 -7.98 -7.11 2.33
N PHE B 68 -7.77 -5.90 1.80
CA PHE B 68 -8.52 -5.40 0.66
C PHE B 68 -7.48 -5.19 -0.45
N SER B 69 -6.89 -6.29 -0.89
CA SER B 69 -5.67 -6.26 -1.70
C SER B 69 -5.87 -6.28 -3.22
N GLU B 70 -7.10 -6.56 -3.67
CA GLU B 70 -7.42 -6.47 -5.10
C GLU B 70 -8.11 -5.14 -5.45
N LYS B 71 -7.86 -4.67 -6.66
CA LYS B 71 -8.29 -3.36 -7.11
C LYS B 71 -9.20 -3.47 -8.32
N VAL B 72 -10.30 -2.73 -8.30
CA VAL B 72 -11.08 -2.53 -9.51
C VAL B 72 -11.32 -1.03 -9.73
N LYS B 73 -10.95 -0.55 -10.91
CA LYS B 73 -11.14 0.84 -11.30
C LYS B 73 -12.50 1.03 -11.98
N ILE B 74 -13.39 1.77 -11.30
CA ILE B 74 -14.70 2.14 -11.83
C ILE B 74 -14.67 3.64 -12.03
N GLY B 75 -14.64 4.06 -13.29
CA GLY B 75 -14.43 5.44 -13.66
C GLY B 75 -13.13 5.98 -13.13
N ASP B 76 -13.25 7.13 -12.48
CA ASP B 76 -12.22 7.81 -11.72
C ASP B 76 -11.84 7.11 -10.39
N VAL B 77 -12.71 6.25 -9.88
CA VAL B 77 -12.63 5.75 -8.51
C VAL B 77 -12.05 4.34 -8.40
N LEU B 78 -10.98 4.21 -7.62
CA LEU B 78 -10.36 2.92 -7.34
C LEU B 78 -11.01 2.27 -6.14
N PHE B 79 -11.64 1.13 -6.38
CA PHE B 79 -12.22 0.33 -5.33
C PHE B 79 -11.27 -0.81 -4.97
N TYR B 80 -11.24 -1.14 -3.69
CA TYR B 80 -10.42 -2.24 -3.21
C TYR B 80 -11.35 -3.28 -2.65
N HIS B 81 -11.02 -4.54 -2.90
CA HIS B 81 -11.85 -5.65 -2.42
C HIS B 81 -10.95 -6.81 -2.00
N PRO B 82 -11.47 -7.71 -1.13
CA PRO B 82 -10.63 -8.80 -0.64
C PRO B 82 -10.32 -9.84 -1.72
N HIS B 83 -9.24 -10.59 -1.51
CA HIS B 83 -8.84 -11.64 -2.45
C HIS B 83 -9.97 -12.66 -2.59
N VAL B 84 -10.28 -12.99 -3.82
CA VAL B 84 -11.37 -13.93 -4.17
C VAL B 84 -12.78 -13.58 -3.63
N ILE B 85 -12.99 -12.34 -3.19
CA ILE B 85 -14.35 -11.84 -2.95
C ILE B 85 -14.74 -10.94 -4.11
N LYS B 86 -15.83 -11.29 -4.79
CA LYS B 86 -16.35 -10.47 -5.87
C LYS B 86 -17.40 -9.50 -5.34
N PRO B 87 -17.12 -8.18 -5.42
CA PRO B 87 -18.15 -7.21 -5.04
C PRO B 87 -19.23 -7.06 -6.11
N GLU B 88 -20.48 -7.01 -5.65
CA GLU B 88 -21.64 -6.84 -6.50
C GLU B 88 -22.05 -5.37 -6.54
N LYS B 89 -23.08 -5.07 -7.31
CA LYS B 89 -23.70 -3.73 -7.38
C LYS B 89 -23.85 -3.06 -6.01
N GLU B 90 -24.54 -3.75 -5.09
CA GLU B 90 -24.82 -3.23 -3.76
C GLU B 90 -23.57 -2.88 -2.92
N ASP B 91 -22.52 -3.67 -3.07
CA ASP B 91 -21.23 -3.44 -2.40
C ASP B 91 -20.50 -2.20 -2.95
N PHE B 92 -20.55 -2.02 -4.26
CA PHE B 92 -20.06 -0.81 -4.90
C PHE B 92 -20.89 0.41 -4.49
N GLU B 93 -22.19 0.24 -4.35
CA GLU B 93 -23.08 1.33 -3.90
C GLU B 93 -22.75 1.80 -2.49
N GLN B 94 -22.62 0.86 -1.57
CA GLN B 94 -22.19 1.20 -0.20
C GLN B 94 -20.84 1.94 -0.20
N ALA B 95 -19.85 1.38 -0.92
CA ALA B 95 -18.51 1.95 -0.99
C ALA B 95 -18.47 3.32 -1.65
N TYR B 96 -19.31 3.52 -2.67
CA TYR B 96 -19.42 4.82 -3.33
C TYR B 96 -20.01 5.90 -2.41
N PHE B 97 -21.08 5.57 -1.72
CA PHE B 97 -21.64 6.42 -0.68
C PHE B 97 -20.58 6.82 0.38
N GLU B 98 -19.81 5.84 0.86
CA GLU B 98 -18.72 6.11 1.80
C GLU B 98 -17.63 7.00 1.20
N TYR B 99 -17.27 6.69 -0.04
CA TYR B 99 -16.32 7.49 -0.80
C TYR B 99 -16.69 8.99 -0.89
N LYS B 100 -17.93 9.29 -1.32
CA LYS B 100 -18.44 10.66 -1.45
C LYS B 100 -18.39 11.43 -0.12
N GLN B 101 -18.91 10.79 0.93
CA GLN B 101 -18.86 11.31 2.30
C GLN B 101 -17.47 11.60 2.80
N SER B 102 -16.55 10.68 2.52
CA SER B 102 -15.16 10.80 2.98
C SER B 102 -14.42 11.88 2.21
N LYS B 103 -14.61 11.88 0.89
CA LYS B 103 -13.98 12.87 0.00
C LYS B 103 -14.41 14.29 0.35
N LYS B 104 -15.68 14.44 0.72
CA LYS B 104 -16.23 15.71 1.17
C LYS B 104 -15.57 16.22 2.47
N PHE B 105 -15.42 15.33 3.47
CA PHE B 105 -14.71 15.66 4.71
C PHE B 105 -13.25 15.99 4.50
N LEU B 106 -12.58 15.18 3.67
CA LEU B 106 -11.16 15.33 3.38
C LEU B 106 -10.82 16.53 2.49
N ASP B 107 -11.70 16.83 1.53
CA ASP B 107 -11.53 18.04 0.71
C ASP B 107 -11.77 19.33 1.51
N ALA B 108 -12.47 19.22 2.63
CA ALA B 108 -12.77 20.36 3.52
C ALA B 108 -11.82 20.51 4.72
N PHE B 109 -11.08 19.46 5.04
CA PHE B 109 -10.21 19.40 6.22
C PHE B 109 -9.21 20.56 6.39
N ASP B 110 -8.50 20.92 5.31
CA ASP B 110 -7.49 21.99 5.36
C ASP B 110 -8.11 23.36 5.59
N ILE B 111 -9.26 23.60 4.95
CA ILE B 111 -10.02 24.85 5.11
C ILE B 111 -10.53 24.97 6.55
N ARG B 113 -9.31 23.64 9.25
CA ARG B 113 -8.17 23.93 10.10
C ARG B 113 -7.67 25.36 9.95
N GLU B 114 -7.80 25.91 8.75
CA GLU B 114 -7.47 27.29 8.51
C GLU B 114 -8.45 28.23 9.22
N VAL B 115 -9.75 27.98 9.01
CA VAL B 115 -10.83 28.77 9.60
C VAL B 115 -10.81 28.70 11.13
N THR B 116 -10.33 27.57 11.65
CA THR B 116 -10.25 27.36 13.10
C THR B 116 -9.06 28.10 13.69
N ASP B 117 -7.95 28.11 12.95
CA ASP B 117 -6.77 28.86 13.29
C ASP B 117 -7.08 30.35 13.33
N ARG B 118 -7.79 30.82 12.31
CA ARG B 118 -8.21 32.23 12.24
C ARG B 118 -9.08 32.58 13.44
N PHE B 119 -10.06 31.73 13.78
CA PHE B 119 -10.91 31.92 14.96
C PHE B 119 -10.10 32.04 16.25
N PHE B 120 -9.02 31.25 16.32
CA PHE B 120 -8.18 31.17 17.51
C PHE B 120 -6.87 31.96 17.43
N GLU B 121 -6.86 33.05 16.66
CA GLU B 121 -5.71 33.98 16.73
C GLU B 121 -5.90 34.96 17.89
N GLY B 122 -4.84 35.25 18.63
CA GLY B 122 -3.59 34.54 18.52
C GLY B 122 -3.35 33.63 19.71
N TYR B 123 -3.77 32.40 19.55
CA TYR B 123 -3.31 31.30 20.38
C TYR B 123 -2.16 30.63 19.64
N GLU B 124 -1.23 30.02 20.38
CA GLU B 124 -0.24 29.12 19.79
C GLU B 124 -0.94 27.78 19.51
N ALA B 125 -0.78 27.26 18.29
CA ALA B 125 -1.50 26.08 17.81
C ALA B 125 -0.58 24.87 17.60
N GLU B 126 -1.09 23.70 17.99
CA GLU B 126 -0.34 22.45 17.98
C GLU B 126 -1.26 21.29 17.61
N GLY B 127 -0.84 20.50 16.62
CA GLY B 127 -1.57 19.29 16.22
C GLY B 127 -2.21 19.33 14.84
N ARG B 128 -2.55 18.15 14.32
CA ARG B 128 -3.18 18.04 13.00
C ARG B 128 -4.63 17.56 13.04
N TYR B 129 -4.87 16.37 13.61
CA TYR B 129 -6.21 15.77 13.63
C TYR B 129 -6.95 16.15 14.89
N ARG B 131 -6.26 19.54 17.19
CA ARG B 131 -5.54 20.79 17.40
C ARG B 131 -5.70 21.32 18.82
N LYS B 132 -4.59 21.64 19.47
CA LYS B 132 -4.59 22.26 20.78
C LYS B 132 -4.32 23.75 20.64
N TYR B 133 -5.19 24.57 21.23
CA TYR B 133 -5.04 26.03 21.19
C TYR B 133 -4.87 26.61 22.59
N THR B 134 -3.76 27.32 22.79
CA THR B 134 -3.40 27.82 24.11
C THR B 134 -3.01 29.31 24.06
N LYS B 135 -3.54 30.08 25.01
CA LYS B 135 -3.36 31.54 25.04
C LYS B 135 -2.59 31.98 26.29
N ASP B 136 -3.24 31.83 27.45
CA ASP B 136 -2.63 32.20 28.73
C ASP B 136 -2.82 31.06 29.71
N GLY B 137 -2.26 29.90 29.36
CA GLY B 137 -2.45 28.68 30.14
C GLY B 137 -3.83 28.10 29.95
N ARG B 138 -4.68 28.82 29.20
CA ARG B 138 -6.03 28.36 28.89
C ARG B 138 -6.05 27.62 27.55
N ASN B 139 -6.55 26.38 27.59
CA ASN B 139 -6.54 25.47 26.45
C ASN B 139 -7.91 25.19 25.81
N TYR B 140 -7.91 25.10 24.49
CA TYR B 140 -9.05 24.59 23.73
C TYR B 140 -8.56 23.43 22.85
N TYR B 141 -9.28 22.32 22.86
CA TYR B 141 -8.95 21.17 22.01
C TYR B 141 -9.99 20.94 20.91
N ALA B 142 -9.57 21.06 19.65
CA ALA B 142 -10.44 20.93 18.48
C ALA B 142 -10.24 19.61 17.72
N PHE B 143 -11.29 18.78 17.63
CA PHE B 143 -11.24 17.59 16.80
C PHE B 143 -12.11 17.76 15.55
N PHE B 144 -11.52 17.55 14.38
CA PHE B 144 -12.21 17.70 13.09
C PHE B 144 -12.85 16.41 12.62
N SER B 145 -14.15 16.50 12.36
CA SER B 145 -14.95 15.36 12.01
C SER B 145 -16.11 15.83 11.13
N THR B 146 -17.16 15.03 11.02
CA THR B 146 -18.38 15.41 10.34
C THR B 146 -19.45 15.11 11.36
N ILE B 147 -20.64 15.66 11.15
CA ILE B 147 -21.73 15.51 12.10
C ILE B 147 -22.30 14.09 12.13
N ASP B 148 -22.31 13.41 10.99
CA ASP B 148 -22.70 12.00 10.94
C ASP B 148 -21.74 11.10 11.73
N ASP B 149 -20.43 11.36 11.63
CA ASP B 149 -19.41 10.67 12.41
C ASP B 149 -19.52 10.95 13.90
N THR B 150 -19.77 12.21 14.23
CA THR B 150 -19.93 12.68 15.60
C THR B 150 -21.15 12.02 16.28
N PHE B 151 -22.24 11.84 15.51
CA PHE B 151 -23.41 11.12 15.98
C PHE B 151 -23.00 9.68 16.40
N GLU B 152 -22.29 9.00 15.51
CA GLU B 152 -21.83 7.63 15.71
C GLU B 152 -20.81 7.51 16.84
N ASP B 153 -19.93 8.50 16.93
CA ASP B 153 -18.82 8.52 17.89
C ASP B 153 -19.14 9.31 19.13
N VAL B 154 -20.43 9.49 19.42
CA VAL B 154 -20.85 10.45 20.43
C VAL B 154 -20.32 10.19 21.85
N ASP B 155 -20.20 8.92 22.23
CA ASP B 155 -19.75 8.53 23.56
C ASP B 155 -18.27 8.86 23.75
N ILE B 156 -17.47 8.61 22.72
CA ILE B 156 -16.10 9.05 22.72
C ILE B 156 -15.99 10.56 23.03
N HIS B 157 -16.78 11.37 22.32
CA HIS B 157 -16.72 12.84 22.42
C HIS B 157 -17.20 13.36 23.77
N LEU B 158 -18.21 12.70 24.34
CA LEU B 158 -18.67 13.01 25.70
C LEU B 158 -17.62 12.70 26.77
N ARG B 159 -16.83 11.65 26.53
CA ARG B 159 -15.77 11.22 27.43
C ARG B 159 -14.53 12.09 27.28
N VAL B 161 -14.46 15.24 26.95
CA VAL B 161 -14.65 16.49 27.64
C VAL B 161 -13.91 16.48 28.98
N ASP B 162 -13.94 15.36 29.68
CA ASP B 162 -13.25 15.22 30.95
C ASP B 162 -11.82 14.65 30.84
N GLU B 163 -11.39 14.32 29.62
CA GLU B 163 -10.04 13.81 29.39
C GLU B 163 -9.05 14.96 29.16
N VAL B 164 -9.58 16.17 29.11
CA VAL B 164 -8.84 17.28 28.56
C VAL B 164 -8.79 18.43 29.57
N ASP B 165 -7.68 19.18 29.54
CA ASP B 165 -7.42 20.28 30.47
C ASP B 165 -7.80 21.60 29.81
N GLY B 166 -9.09 21.78 29.56
CA GLY B 166 -9.59 22.92 28.82
C GLY B 166 -10.90 22.54 28.15
N ASP B 167 -11.33 23.33 27.19
CA ASP B 167 -12.59 23.09 26.48
C ASP B 167 -12.36 22.15 25.28
N TYR B 168 -13.25 21.17 25.11
CA TYR B 168 -13.21 20.25 23.97
C TYR B 168 -14.31 20.59 22.95
N VAL B 169 -13.89 20.76 21.70
CA VAL B 169 -14.82 21.14 20.64
C VAL B 169 -14.64 20.24 19.42
N VAL B 170 -15.76 19.78 18.86
CA VAL B 170 -15.76 19.06 17.59
C VAL B 170 -16.11 20.04 16.48
N ILE B 171 -15.21 20.17 15.52
CA ILE B 171 -15.40 21.01 14.33
C ILE B 171 -15.88 20.16 13.16
N VAL B 172 -17.06 20.50 12.64
CA VAL B 172 -17.66 19.79 11.51
C VAL B 172 -18.00 20.77 10.36
N PRO B 173 -18.03 20.27 9.11
CA PRO B 173 -18.44 21.12 7.99
C PRO B 173 -19.98 21.24 7.88
N THR B 174 -20.44 22.23 7.12
CA THR B 174 -21.84 22.33 6.75
C THR B 174 -22.30 21.10 5.96
N GLU B 175 -23.59 20.84 6.00
CA GLU B 175 -24.18 19.79 5.18
C GLU B 175 -25.21 20.42 4.25
N ASN B 176 -25.55 19.68 3.19
CA ASN B 176 -26.53 20.10 2.19
C ASN B 176 -27.93 19.64 2.52
N GLU B 177 -28.02 18.77 3.52
CA GLU B 177 -29.27 18.25 4.01
C GLU B 177 -29.39 18.71 5.45
N LEU B 178 -30.64 18.81 5.93
CA LEU B 178 -30.93 19.19 7.29
C LEU B 178 -30.76 18.02 8.25
N ASN B 179 -31.25 16.85 7.83
CA ASN B 179 -31.38 15.66 8.68
C ASN B 179 -30.14 15.27 9.51
N PRO B 180 -28.92 15.32 8.92
CA PRO B 180 -27.74 15.02 9.76
C PRO B 180 -27.61 15.87 11.04
N PHE B 181 -27.82 17.18 10.95
CA PHE B 181 -27.79 18.04 12.14
C PHE B 181 -29.05 17.89 13.00
N LEU B 182 -30.18 17.71 12.35
CA LEU B 182 -31.46 17.57 13.05
C LEU B 182 -31.55 16.28 13.90
N LYS B 183 -31.06 15.16 13.38
CA LYS B 183 -31.08 13.91 14.13
C LYS B 183 -30.13 13.96 15.34
N PHE B 184 -28.99 14.64 15.18
CA PHE B 184 -28.08 14.83 16.31
C PHE B 184 -28.71 15.70 17.41
N PHE B 185 -29.39 16.79 17.01
CA PHE B 185 -30.04 17.72 17.92
C PHE B 185 -31.13 17.02 18.74
N LYS B 186 -31.92 16.18 18.07
CA LYS B 186 -33.00 15.45 18.70
C LYS B 186 -32.45 14.44 19.69
N GLN B 187 -31.51 13.62 19.22
CA GLN B 187 -30.92 12.55 20.00
C GLN B 187 -30.02 13.03 21.12
N TYR B 188 -29.11 13.94 20.80
CA TYR B 188 -27.94 14.15 21.64
C TYR B 188 -27.64 15.56 22.11
N SER B 189 -28.47 16.55 21.79
CA SER B 189 -28.11 17.92 22.16
C SER B 189 -28.17 18.15 23.67
N GLU B 190 -29.15 17.56 24.34
CA GLU B 190 -29.21 17.60 25.80
C GLU B 190 -28.01 16.94 26.50
N ASP B 191 -27.63 15.73 26.06
CA ASP B 191 -26.41 15.06 26.58
C ASP B 191 -25.19 15.94 26.41
N ALA B 192 -25.02 16.46 25.19
CA ALA B 192 -23.92 17.33 24.81
C ALA B 192 -23.85 18.58 25.68
N LYS B 193 -24.98 19.25 25.85
CA LYS B 193 -25.09 20.43 26.73
C LYS B 193 -24.77 20.12 28.21
N ARG B 194 -25.32 19.01 28.70
CA ARG B 194 -25.07 18.55 30.07
C ARG B 194 -23.60 18.19 30.32
N ALA B 195 -22.93 17.60 29.33
CA ALA B 195 -21.51 17.23 29.43
C ALA B 195 -20.56 18.38 29.10
N GLY B 196 -21.08 19.45 28.51
CA GLY B 196 -20.26 20.58 28.07
C GLY B 196 -19.49 20.26 26.80
N LEU B 197 -20.12 19.51 25.92
CA LEU B 197 -19.54 19.19 24.61
C LEU B 197 -19.87 20.30 23.62
N LYS B 198 -18.85 20.79 22.92
CA LYS B 198 -19.03 21.83 21.93
C LYS B 198 -19.01 21.24 20.53
N ILE B 199 -19.93 21.69 19.69
CA ILE B 199 -19.92 21.37 18.27
C ILE B 199 -20.07 22.66 17.49
N TRP B 200 -19.03 23.01 16.73
CA TRP B 200 -19.03 24.17 15.86
C TRP B 200 -18.95 23.78 14.37
N VAL B 201 -19.60 24.58 13.52
CA VAL B 201 -19.78 24.27 12.10
C VAL B 201 -19.01 25.24 11.22
N VAL B 202 -18.21 24.71 10.30
CA VAL B 202 -17.43 25.49 9.34
C VAL B 202 -18.05 25.40 7.96
N ASN B 203 -18.37 26.56 7.40
CA ASN B 203 -18.67 26.66 5.98
C ASN B 203 -17.36 26.76 5.18
N PRO B 204 -16.98 25.68 4.47
CA PRO B 204 -15.69 25.67 3.75
C PRO B 204 -15.62 26.61 2.52
N ASP B 205 -16.78 26.95 1.96
CA ASP B 205 -16.86 27.89 0.83
C ASP B 205 -16.75 29.34 1.28
N GLU B 206 -17.54 29.71 2.29
CA GLU B 206 -17.56 31.07 2.83
C GLU B 206 -16.42 31.32 3.81
N LYS B 207 -15.80 30.23 4.27
CA LYS B 207 -14.73 30.24 5.30
C LYS B 207 -15.17 30.86 6.64
N THR B 208 -16.40 30.57 7.04
CA THR B 208 -16.95 31.04 8.30
C THR B 208 -17.06 29.91 9.33
N ILE B 209 -17.22 30.27 10.60
CA ILE B 209 -17.45 29.32 11.68
C ILE B 209 -18.61 29.80 12.55
N ASP B 210 -19.49 28.89 12.95
CA ASP B 210 -20.63 29.25 13.78
C ASP B 210 -20.90 28.12 14.78
N PRO B 211 -21.33 28.46 16.02
CA PRO B 211 -21.58 27.39 16.97
C PRO B 211 -22.93 26.71 16.72
N PHE B 212 -22.93 25.38 16.83
CA PHE B 212 -24.16 24.60 16.75
C PHE B 212 -24.61 24.29 18.19
N ILE B 213 -23.66 23.80 18.98
CA ILE B 213 -23.87 23.51 20.40
C ILE B 213 -22.66 24.02 21.17
N GLY B 214 -22.91 24.95 22.08
CA GLY B 214 -21.87 25.34 23.04
C GLY B 214 -21.08 26.56 22.65
N TYR B 215 -20.81 27.39 23.65
CA TYR B 215 -20.11 28.64 23.47
C TYR B 215 -18.81 28.63 24.24
N PRO B 216 -17.80 29.38 23.78
CA PRO B 216 -16.65 29.56 24.66
C PRO B 216 -17.05 30.45 25.86
N LYS B 217 -16.38 30.28 27.01
CA LYS B 217 -16.58 31.20 28.13
C LYS B 217 -15.81 32.48 27.87
N ASP B 218 -14.63 32.34 27.27
CA ASP B 218 -13.88 33.49 26.78
C ASP B 218 -14.72 34.24 25.75
N PHE B 219 -15.34 35.32 26.21
CA PHE B 219 -16.24 36.15 25.39
C PHE B 219 -15.51 36.85 24.26
N ARG B 220 -14.17 36.94 24.35
CA ARG B 220 -13.36 37.66 23.36
C ARG B 220 -13.31 36.94 22.02
N LEU B 221 -13.57 35.63 22.03
CA LEU B 221 -13.59 34.80 20.83
C LEU B 221 -14.89 34.88 20.04
N LEU B 222 -15.97 35.25 20.73
CA LEU B 222 -17.32 35.32 20.14
C LEU B 222 -17.42 36.13 18.85
N LYS B 223 -16.62 37.18 18.74
CA LYS B 223 -16.59 38.02 17.53
C LYS B 223 -16.01 37.28 16.32
N GLY B 224 -15.33 36.16 16.57
CA GLY B 224 -14.77 35.30 15.52
C GLY B 224 -15.81 34.49 14.77
N PHE B 225 -16.97 34.29 15.39
CA PHE B 225 -18.09 33.61 14.76
C PHE B 225 -18.74 34.45 13.67
N LYS B 226 -19.53 33.79 12.82
CA LYS B 226 -20.20 34.42 11.68
C LYS B 226 -21.24 35.46 12.15
N ASN B 227 -22.16 35.03 13.00
CA ASN B 227 -23.27 35.87 13.43
C ASN B 227 -23.73 35.52 14.84
#